data_6JYI
#
_entry.id   6JYI
#
_cell.length_a   60.682
_cell.length_b   132.672
_cell.length_c   49.249
_cell.angle_alpha   90.00
_cell.angle_beta   90.00
_cell.angle_gamma   90.00
#
_symmetry.space_group_name_H-M   'P 21 21 2'
#
loop_
_entity.id
_entity.type
_entity.pdbx_description
1 polymer 'Transcriptional repressor PadR'
2 water water
#
_entity_poly.entity_id   1
_entity_poly.type   'polypeptide(L)'
_entity_poly.pdbx_seq_one_letter_code
;GSAKDP(MSE)KGRDVVLGLL(MSE)QKELSGYDIKIVFEDVFTHFFDGSFG(MSE)IYPTLRQLENEGKIKKEVV
(MSE)QEGKPNKK(MSE)YFITDEGREEFYQY(MSE)QTPVEKDVLRSDFL(MSE)R(MSE)YFGNYSDDVTIKKWIKDE
IERKEAYIADLRLKYEKWRVGITFVEEISLDVGIASYSAQVETLKKKLEELEAKENNKTEE
;
_entity_poly.pdbx_strand_id   A,B
#
# COMPACT_ATOMS: atom_id res chain seq x y z
N GLY A 1 -2.58 -0.16 17.63
CA GLY A 1 -3.73 -0.20 16.66
C GLY A 1 -4.88 0.63 17.18
N SER A 2 -6.03 0.58 16.51
CA SER A 2 -7.14 1.48 16.85
C SER A 2 -8.48 0.89 16.46
N ALA A 3 -9.54 1.64 16.76
CA ALA A 3 -10.89 1.20 16.45
C ALA A 3 -11.11 1.10 14.94
N LYS A 4 -10.21 1.69 14.15
CA LYS A 4 -10.33 1.65 12.72
C LYS A 4 -9.52 0.52 12.11
N ASP A 5 -8.96 -0.37 12.94
CA ASP A 5 -8.22 -1.53 12.37
C ASP A 5 -9.13 -2.29 11.44
N PRO A 6 -8.64 -2.62 10.22
CA PRO A 6 -9.48 -3.48 9.38
C PRO A 6 -9.70 -4.88 9.93
N LYS A 8 -10.08 -7.54 8.23
CA LYS A 8 -9.30 -8.39 7.34
C LYS A 8 -7.95 -8.80 7.90
N GLY A 9 -7.37 -7.97 8.77
CA GLY A 9 -6.20 -8.36 9.55
C GLY A 9 -6.30 -9.74 10.18
N ARG A 10 -7.48 -10.08 10.72
CA ARG A 10 -7.71 -11.39 11.33
C ARG A 10 -7.51 -12.53 10.29
N ASP A 11 -7.91 -12.28 9.07
CA ASP A 11 -7.78 -13.31 7.99
C ASP A 11 -6.40 -13.54 7.51
N VAL A 12 -5.51 -12.54 7.67
CA VAL A 12 -4.11 -12.77 7.42
C VAL A 12 -3.61 -13.89 8.36
N VAL A 13 -3.93 -13.76 9.65
CA VAL A 13 -3.53 -14.74 10.64
C VAL A 13 -4.21 -16.07 10.41
N LEU A 14 -5.53 -16.07 10.20
CA LEU A 14 -6.24 -17.35 9.96
C LEU A 14 -5.74 -18.03 8.74
N GLY A 15 -5.53 -17.27 7.67
CA GLY A 15 -4.95 -17.88 6.49
C GLY A 15 -3.62 -18.53 6.69
N LEU A 16 -2.75 -17.89 7.44
CA LEU A 16 -1.44 -18.47 7.71
C LEU A 16 -1.56 -19.80 8.43
N LEU A 17 -2.47 -19.84 9.41
CA LEU A 17 -2.70 -21.04 10.22
C LEU A 17 -3.42 -22.18 9.48
N GLN A 19 -2.53 -23.78 6.73
CA GLN A 19 -1.64 -24.93 6.40
C GLN A 19 -1.18 -25.72 7.59
N LYS A 20 -0.58 -25.04 8.58
CA LYS A 20 -0.26 -25.73 9.81
C LYS A 20 -0.08 -24.78 10.97
N GLU A 21 -0.09 -25.39 12.15
CA GLU A 21 0.13 -24.68 13.37
C GLU A 21 1.46 -23.94 13.26
N LEU A 22 1.48 -22.75 13.85
CA LEU A 22 2.66 -21.91 13.89
C LEU A 22 2.81 -21.31 15.28
N SER A 23 4.05 -21.15 15.73
CA SER A 23 4.32 -20.37 16.92
C SER A 23 4.11 -18.88 16.64
N GLY A 24 4.00 -18.10 17.70
CA GLY A 24 4.02 -16.63 17.59
C GLY A 24 5.25 -16.13 16.86
N TYR A 25 6.40 -16.70 17.19
CA TYR A 25 7.67 -16.31 16.58
C TYR A 25 7.55 -16.39 15.04
N ASP A 26 7.08 -17.56 14.59
CA ASP A 26 6.98 -17.82 13.18
C ASP A 26 5.94 -16.94 12.46
N ILE A 27 4.79 -16.69 13.10
CA ILE A 27 3.83 -15.79 12.54
C ILE A 27 4.44 -14.41 12.31
N LYS A 28 5.14 -13.89 13.31
CA LYS A 28 5.82 -12.62 13.17
C LYS A 28 6.84 -12.60 12.00
N ILE A 29 7.63 -13.65 11.87
CA ILE A 29 8.67 -13.63 10.84
C ILE A 29 7.99 -13.67 9.47
N VAL A 30 6.97 -14.51 9.29
CA VAL A 30 6.27 -14.55 7.97
C VAL A 30 5.69 -13.18 7.63
N PHE A 31 5.15 -12.52 8.65
CA PHE A 31 4.66 -11.17 8.48
C PHE A 31 5.76 -10.19 8.01
N GLU A 32 6.91 -10.23 8.65
CA GLU A 32 7.96 -9.30 8.30
C GLU A 32 8.55 -9.62 6.94
N ASP A 33 8.63 -10.91 6.63
CA ASP A 33 9.31 -11.38 5.43
C ASP A 33 8.46 -11.18 4.16
N VAL A 34 7.17 -11.46 4.27
CA VAL A 34 6.26 -11.60 3.14
C VAL A 34 5.16 -10.53 3.20
N PHE A 35 4.40 -10.47 4.28
CA PHE A 35 3.21 -9.58 4.33
C PHE A 35 3.50 -8.08 4.42
N THR A 36 4.69 -7.70 4.88
CA THR A 36 5.12 -6.29 4.81
C THR A 36 5.02 -5.74 3.36
N HIS A 37 5.04 -6.62 2.36
CA HIS A 37 5.04 -6.18 0.98
C HIS A 37 3.65 -6.02 0.40
N PHE A 38 2.66 -6.71 0.96
CA PHE A 38 1.32 -6.59 0.40
C PHE A 38 0.16 -6.53 1.41
N PHE A 39 0.43 -6.66 2.72
CA PHE A 39 -0.59 -6.41 3.73
C PHE A 39 0.09 -5.89 5.00
N ASP A 40 0.67 -4.71 4.86
CA ASP A 40 1.45 -4.06 5.88
C ASP A 40 0.55 -3.16 6.70
N GLY A 41 1.05 -2.78 7.87
CA GLY A 41 0.37 -1.83 8.75
C GLY A 41 -0.04 -2.45 10.07
N SER A 42 -0.01 -3.78 10.13
CA SER A 42 -0.70 -4.51 11.20
C SER A 42 0.27 -5.34 12.07
N PHE A 43 1.58 -5.10 11.93
CA PHE A 43 2.59 -5.96 12.56
C PHE A 43 2.42 -5.96 14.06
N GLY A 44 2.27 -4.76 14.61
CA GLY A 44 2.17 -4.57 16.07
C GLY A 44 0.90 -5.18 16.65
N ILE A 46 -0.25 -8.25 15.84
CA ILE A 46 -0.23 -9.73 15.76
C ILE A 46 -0.66 -10.41 17.05
N TYR A 47 -0.02 -10.11 18.17
CA TYR A 47 -0.43 -10.77 19.43
C TYR A 47 -1.86 -10.40 19.89
N PRO A 48 -2.22 -9.10 19.85
CA PRO A 48 -3.62 -8.74 20.12
C PRO A 48 -4.62 -9.49 19.26
N THR A 49 -4.30 -9.67 17.98
CA THR A 49 -5.18 -10.41 17.07
C THR A 49 -5.22 -11.90 17.44
N LEU A 50 -4.07 -12.48 17.75
CA LEU A 50 -4.02 -13.87 18.19
C LEU A 50 -4.88 -14.06 19.45
N ARG A 51 -4.76 -13.15 20.41
CA ARG A 51 -5.47 -13.29 21.69
C ARG A 51 -6.99 -13.18 21.45
N GLN A 52 -7.39 -12.30 20.55
CA GLN A 52 -8.81 -12.12 20.25
C GLN A 52 -9.39 -13.36 19.55
N LEU A 53 -8.63 -13.88 18.61
CA LEU A 53 -9.05 -15.07 17.87
C LEU A 53 -9.14 -16.25 18.85
N GLU A 54 -8.25 -16.32 19.81
CA GLU A 54 -8.32 -17.40 20.81
C GLU A 54 -9.55 -17.19 21.69
N ASN A 55 -9.76 -15.94 22.11
CA ASN A 55 -10.90 -15.64 22.98
C ASN A 55 -12.22 -16.02 22.31
N GLU A 56 -12.28 -15.88 21.00
CA GLU A 56 -13.50 -16.23 20.24
C GLU A 56 -13.58 -17.67 19.80
N GLY A 57 -12.52 -18.45 20.02
CA GLY A 57 -12.54 -19.85 19.63
C GLY A 57 -12.16 -20.13 18.19
N LYS A 58 -11.56 -19.16 17.52
CA LYS A 58 -11.19 -19.30 16.08
C LYS A 58 -9.84 -20.00 15.95
N ILE A 59 -9.01 -19.87 16.98
CA ILE A 59 -7.75 -20.57 17.08
C ILE A 59 -7.59 -21.05 18.51
N LYS A 60 -6.64 -21.96 18.72
CA LYS A 60 -6.33 -22.45 20.04
C LYS A 60 -4.82 -22.51 20.20
N LYS A 61 -4.33 -22.09 21.36
CA LYS A 61 -2.90 -22.15 21.65
C LYS A 61 -2.65 -23.46 22.42
N GLU A 62 -1.78 -24.34 21.91
CA GLU A 62 -1.51 -25.65 22.52
C GLU A 62 -0.01 -25.88 22.77
N VAL A 63 0.27 -26.65 23.81
CA VAL A 63 1.62 -27.07 24.10
C VAL A 63 1.88 -28.35 23.31
N VAL A 64 2.69 -28.27 22.28
CA VAL A 64 3.02 -29.46 21.53
C VAL A 64 4.19 -30.08 22.27
N GLN A 66 6.74 -33.62 22.85
CA GLN A 66 7.36 -34.71 22.12
C GLN A 66 8.45 -35.40 22.95
N LYS A 69 12.28 -33.94 23.24
CA LYS A 69 12.43 -32.66 22.55
C LYS A 69 11.92 -31.51 23.41
N PRO A 70 12.22 -30.26 23.01
CA PRO A 70 11.65 -29.16 23.77
C PRO A 70 10.20 -28.92 23.35
N ASN A 71 9.33 -28.72 24.34
CA ASN A 71 7.95 -28.36 24.08
C ASN A 71 7.88 -27.01 23.35
N LYS A 72 6.90 -26.87 22.48
CA LYS A 72 6.75 -25.64 21.71
C LYS A 72 5.29 -25.25 21.81
N LYS A 73 4.99 -23.99 22.15
CA LYS A 73 3.59 -23.54 22.12
C LYS A 73 3.28 -23.07 20.73
N TYR A 75 -0.05 -22.14 17.79
CA TYR A 75 -1.45 -21.82 17.53
C TYR A 75 -1.98 -22.71 16.46
N PHE A 76 -3.18 -23.21 16.69
CA PHE A 76 -3.85 -24.08 15.78
C PHE A 76 -5.20 -23.42 15.43
N ILE A 77 -5.56 -23.41 14.16
CA ILE A 77 -6.88 -22.96 13.74
C ILE A 77 -7.96 -24.02 14.06
N THR A 78 -9.16 -23.56 14.46
CA THR A 78 -10.28 -24.45 14.71
C THR A 78 -11.20 -24.40 13.51
N ASP A 79 -12.24 -25.22 13.52
CA ASP A 79 -13.19 -25.18 12.41
C ASP A 79 -13.92 -23.83 12.33
N GLU A 80 -14.16 -23.19 13.47
CA GLU A 80 -14.77 -21.87 13.43
C GLU A 80 -13.85 -20.85 12.74
N GLY A 81 -12.54 -20.98 12.96
CA GLY A 81 -11.60 -20.11 12.27
C GLY A 81 -11.55 -20.42 10.79
N ARG A 82 -11.57 -21.71 10.44
CA ARG A 82 -11.63 -22.16 9.04
C ARG A 82 -12.83 -21.50 8.37
N GLU A 83 -13.95 -21.50 9.07
CA GLU A 83 -15.16 -20.93 8.53
C GLU A 83 -15.04 -19.42 8.27
N GLU A 84 -14.51 -18.67 9.24
CA GLU A 84 -14.25 -17.25 9.06
C GLU A 84 -13.29 -17.05 7.85
N PHE A 85 -12.21 -17.83 7.79
CA PHE A 85 -11.27 -17.68 6.65
C PHE A 85 -12.00 -17.91 5.30
N TYR A 86 -12.74 -19.00 5.21
CA TYR A 86 -13.42 -19.31 3.96
C TYR A 86 -14.50 -18.29 3.61
N GLN A 87 -15.17 -17.72 4.62
CA GLN A 87 -16.08 -16.62 4.37
C GLN A 87 -15.34 -15.41 3.78
N TYR A 88 -14.18 -15.07 4.36
CA TYR A 88 -13.37 -13.97 3.87
C TYR A 88 -13.09 -14.19 2.38
N GLN A 90 -14.65 -15.61 0.10
CA GLN A 90 -15.83 -15.41 -0.78
C GLN A 90 -16.23 -13.95 -0.85
N THR A 91 -15.60 -13.05 -0.08
CA THR A 91 -16.01 -11.63 -0.12
C THR A 91 -15.49 -10.92 -1.36
N PRO A 92 -16.08 -9.75 -1.73
CA PRO A 92 -15.51 -9.00 -2.83
C PRO A 92 -14.05 -8.57 -2.56
N VAL A 93 -13.23 -8.53 -3.60
CA VAL A 93 -11.83 -8.13 -3.46
C VAL A 93 -11.76 -6.62 -3.32
N GLU A 94 -11.24 -6.17 -2.18
CA GLU A 94 -11.05 -4.74 -1.91
C GLU A 94 -9.92 -4.13 -2.73
N LYS A 95 -10.12 -2.90 -3.16
CA LYS A 95 -9.08 -2.12 -3.83
C LYS A 95 -7.82 -1.97 -2.98
N ASP A 96 -6.67 -1.83 -3.65
CA ASP A 96 -5.40 -1.60 -2.99
C ASP A 96 -5.51 -0.31 -2.18
N VAL A 97 -4.85 -0.29 -1.02
CA VAL A 97 -4.72 0.94 -0.26
C VAL A 97 -3.21 1.14 -0.03
N LEU A 98 -2.68 2.27 -0.49
CA LEU A 98 -1.24 2.59 -0.36
C LEU A 98 -1.00 3.92 0.31
N ARG A 99 -0.08 3.93 1.29
CA ARG A 99 0.42 5.18 1.87
C ARG A 99 1.88 5.25 1.53
N SER A 100 2.25 6.13 0.59
CA SER A 100 3.64 6.36 0.24
C SER A 100 4.03 7.80 0.59
N ASP A 101 4.70 7.95 1.71
CA ASP A 101 5.31 9.20 2.15
C ASP A 101 6.26 9.73 1.08
N PHE A 102 7.05 8.83 0.49
CA PHE A 102 7.96 9.21 -0.61
C PHE A 102 7.25 9.89 -1.81
N LEU A 103 6.16 9.33 -2.31
CA LEU A 103 5.47 9.95 -3.43
C LEU A 103 4.87 11.32 -3.04
N ARG A 105 6.28 13.36 -0.82
CA ARG A 105 7.46 14.24 -0.79
C ARG A 105 7.76 14.73 -2.20
N TYR A 107 5.53 14.92 -4.56
CA TYR A 107 4.44 15.82 -4.90
C TYR A 107 4.70 17.26 -4.40
N PHE A 108 5.26 17.37 -3.20
CA PHE A 108 5.58 18.64 -2.60
C PHE A 108 7.04 19.01 -2.83
N GLY A 109 7.65 18.40 -3.86
CA GLY A 109 9.07 18.56 -4.12
C GLY A 109 9.55 19.98 -4.39
N ASN A 110 8.64 20.81 -4.86
CA ASN A 110 8.99 22.18 -5.17
C ASN A 110 9.33 22.95 -3.89
N TYR A 111 8.94 22.41 -2.73
CA TYR A 111 9.34 22.98 -1.46
C TYR A 111 10.59 22.38 -0.86
N SER A 112 11.24 21.49 -1.60
CA SER A 112 12.50 20.92 -1.19
C SER A 112 13.63 21.58 -2.02
N ASP A 113 14.75 20.87 -2.21
CA ASP A 113 15.79 21.33 -3.13
C ASP A 113 16.32 20.14 -3.90
N ASP A 114 17.15 20.38 -4.91
CA ASP A 114 17.58 19.31 -5.80
C ASP A 114 18.42 18.27 -5.06
N VAL A 115 19.36 18.72 -4.23
CA VAL A 115 20.17 17.79 -3.44
C VAL A 115 19.24 16.82 -2.69
N THR A 116 18.28 17.36 -1.95
CA THR A 116 17.42 16.56 -1.08
C THR A 116 16.53 15.61 -1.87
N ILE A 117 15.97 16.08 -2.97
CA ILE A 117 15.17 15.23 -3.88
C ILE A 117 16.01 14.09 -4.45
N LYS A 118 17.21 14.41 -4.91
CA LYS A 118 18.12 13.39 -5.44
C LYS A 118 18.40 12.32 -4.40
N LYS A 119 18.62 12.74 -3.16
CA LYS A 119 18.91 11.80 -2.05
C LYS A 119 17.73 10.89 -1.77
N TRP A 120 16.55 11.50 -1.68
CA TRP A 120 15.34 10.72 -1.46
C TRP A 120 15.11 9.69 -2.54
N ILE A 121 15.33 10.09 -3.80
CA ILE A 121 15.17 9.15 -4.92
C ILE A 121 16.17 8.00 -4.80
N LYS A 122 17.41 8.32 -4.46
CA LYS A 122 18.45 7.30 -4.38
C LYS A 122 18.17 6.33 -3.25
N ASP A 123 17.73 6.86 -2.10
CA ASP A 123 17.27 6.01 -0.99
C ASP A 123 16.14 5.05 -1.37
N GLU A 124 15.20 5.57 -2.14
CA GLU A 124 14.03 4.79 -2.60
C GLU A 124 14.40 3.69 -3.58
N ILE A 125 15.31 4.01 -4.49
CA ILE A 125 15.87 3.01 -5.39
C ILE A 125 16.55 1.89 -4.57
N GLU A 126 17.38 2.30 -3.60
CA GLU A 126 18.15 1.32 -2.82
C GLU A 126 17.21 0.41 -2.03
N ARG A 127 16.18 1.03 -1.42
CA ARG A 127 15.14 0.32 -0.69
C ARG A 127 14.41 -0.73 -1.53
N LYS A 128 13.88 -0.32 -2.69
CA LYS A 128 13.12 -1.23 -3.54
C LYS A 128 14.00 -2.34 -4.10
N GLU A 129 15.26 -2.02 -4.42
CA GLU A 129 16.24 -3.02 -4.88
C GLU A 129 16.45 -4.10 -3.81
N ALA A 130 16.62 -3.68 -2.55
CA ALA A 130 16.77 -4.61 -1.42
C ALA A 130 15.53 -5.53 -1.25
N TYR A 131 14.33 -4.93 -1.26
CA TYR A 131 13.05 -5.69 -1.17
C TYR A 131 12.96 -6.76 -2.26
N ILE A 132 13.34 -6.36 -3.48
CA ILE A 132 13.29 -7.27 -4.60
C ILE A 132 14.12 -8.49 -4.24
N ALA A 133 15.42 -8.29 -4.01
CA ALA A 133 16.36 -9.35 -3.55
C ALA A 133 15.86 -10.16 -2.34
N ASP A 134 15.37 -9.50 -1.31
CA ASP A 134 14.91 -10.22 -0.12
C ASP A 134 13.82 -11.24 -0.53
N LEU A 135 12.78 -10.74 -1.17
CA LEU A 135 11.48 -11.40 -1.30
C LEU A 135 11.55 -12.79 -1.90
N ARG A 136 12.33 -12.93 -2.97
CA ARG A 136 12.45 -14.22 -3.67
C ARG A 136 12.87 -15.32 -2.66
N LEU A 137 13.97 -15.06 -1.97
CA LEU A 137 14.53 -16.00 -0.99
C LEU A 137 13.55 -16.32 0.16
N LYS A 138 12.82 -15.30 0.61
CA LYS A 138 11.82 -15.51 1.65
C LYS A 138 10.64 -16.39 1.21
N TYR A 139 10.22 -16.31 -0.06
CA TYR A 139 9.14 -17.21 -0.53
C TYR A 139 9.61 -18.67 -0.59
N GLU A 140 10.88 -18.90 -0.92
CA GLU A 140 11.43 -20.26 -0.89
C GLU A 140 11.53 -20.83 0.53
N LYS A 141 11.74 -19.98 1.53
CA LYS A 141 11.72 -20.37 2.93
C LYS A 141 10.29 -20.66 3.43
N TRP A 142 9.35 -19.77 3.13
CA TRP A 142 7.98 -19.89 3.68
C TRP A 142 7.02 -20.73 2.87
N ARG A 143 7.23 -20.80 1.55
CA ARG A 143 6.33 -21.56 0.69
C ARG A 143 7.13 -22.63 -0.05
N VAL A 144 7.59 -23.61 0.72
CA VAL A 144 8.14 -24.80 0.14
C VAL A 144 6.90 -25.50 -0.45
N GLY A 145 7.02 -25.90 -1.68
CA GLY A 145 5.89 -26.46 -2.38
C GLY A 145 5.08 -25.36 -3.02
N ILE A 146 5.69 -24.20 -3.27
CA ILE A 146 4.96 -23.08 -3.86
C ILE A 146 4.26 -23.46 -5.15
N THR A 147 3.01 -23.03 -5.29
CA THR A 147 2.20 -23.34 -6.47
C THR A 147 2.06 -22.15 -7.40
N PHE A 148 1.56 -22.41 -8.62
CA PHE A 148 1.36 -21.37 -9.61
C PHE A 148 0.64 -20.14 -9.03
N VAL A 149 -0.47 -20.33 -8.32
CA VAL A 149 -1.24 -19.16 -7.84
C VAL A 149 -0.48 -18.39 -6.74
N GLU A 150 0.16 -19.11 -5.85
CA GLU A 150 1.00 -18.48 -4.80
C GLU A 150 2.14 -17.66 -5.39
N GLU A 151 2.69 -18.13 -6.48
CA GLU A 151 3.76 -17.42 -7.14
C GLU A 151 3.28 -16.07 -7.72
N ILE A 152 1.96 -15.93 -8.03
CA ILE A 152 1.47 -14.64 -8.55
C ILE A 152 1.76 -13.49 -7.58
N SER A 153 1.55 -13.68 -6.28
CA SER A 153 1.81 -12.60 -5.31
C SER A 153 3.25 -12.14 -5.37
N LEU A 154 4.18 -13.09 -5.41
CA LEU A 154 5.59 -12.76 -5.56
C LEU A 154 5.89 -12.03 -6.85
N ASP A 155 5.47 -12.62 -7.96
CA ASP A 155 5.87 -12.07 -9.28
C ASP A 155 5.24 -10.72 -9.54
N VAL A 156 4.02 -10.51 -9.07
CA VAL A 156 3.40 -9.19 -9.21
C VAL A 156 4.17 -8.15 -8.42
N GLY A 157 4.56 -8.51 -7.20
CA GLY A 157 5.33 -7.63 -6.36
C GLY A 157 6.65 -7.25 -6.94
N ILE A 158 7.43 -8.23 -7.37
CA ILE A 158 8.68 -7.97 -8.05
C ILE A 158 8.47 -7.15 -9.35
N ALA A 159 7.41 -7.41 -10.10
CA ALA A 159 7.17 -6.69 -11.37
C ALA A 159 6.96 -5.21 -11.06
N SER A 160 6.17 -4.97 -10.03
CA SER A 160 5.84 -3.62 -9.64
C SER A 160 7.04 -2.86 -9.06
N TYR A 161 7.74 -3.45 -8.11
CA TYR A 161 8.96 -2.85 -7.58
C TYR A 161 10.01 -2.57 -8.64
N SER A 162 10.20 -3.52 -9.56
CA SER A 162 11.22 -3.35 -10.59
C SER A 162 10.87 -2.19 -11.53
N ALA A 163 9.59 -2.01 -11.78
CA ALA A 163 9.15 -0.95 -12.68
C ALA A 163 9.31 0.37 -11.95
N GLN A 164 9.00 0.40 -10.66
CA GLN A 164 9.25 1.61 -9.85
C GLN A 164 10.73 2.00 -9.85
N VAL A 165 11.61 1.01 -9.61
CA VAL A 165 13.06 1.25 -9.68
C VAL A 165 13.52 1.83 -11.02
N GLU A 166 13.14 1.18 -12.12
CA GLU A 166 13.49 1.63 -13.48
C GLU A 166 13.07 3.09 -13.68
N THR A 167 11.82 3.39 -13.32
CA THR A 167 11.29 4.73 -13.48
C THR A 167 12.10 5.74 -12.69
N LEU A 168 12.43 5.41 -11.44
CA LEU A 168 13.15 6.34 -10.59
C LEU A 168 14.58 6.57 -11.07
N LYS A 169 15.25 5.53 -11.53
CA LYS A 169 16.58 5.68 -12.15
C LYS A 169 16.55 6.71 -13.30
N LYS A 170 15.51 6.65 -14.12
CA LYS A 170 15.31 7.62 -15.20
C LYS A 170 15.04 9.03 -14.73
N LYS A 171 14.23 9.17 -13.69
CA LYS A 171 14.01 10.49 -13.11
C LYS A 171 15.31 11.09 -12.56
N LEU A 172 16.14 10.23 -11.95
CA LEU A 172 17.44 10.65 -11.43
C LEU A 172 18.35 11.13 -12.57
N GLU A 173 18.50 10.30 -13.60
CA GLU A 173 19.26 10.69 -14.80
C GLU A 173 18.92 12.11 -15.21
N GLU A 174 17.63 12.35 -15.36
CA GLU A 174 17.15 13.64 -15.81
C GLU A 174 17.52 14.77 -14.85
N LEU A 175 17.43 14.51 -13.56
CA LEU A 175 17.76 15.53 -12.57
C LEU A 175 19.25 15.89 -12.58
N GLU A 176 20.12 14.86 -12.67
CA GLU A 176 21.58 15.05 -12.77
C GLU A 176 22.03 15.24 -14.22
N LYS B 8 -1.08 11.14 8.29
CA LYS B 8 -0.51 12.50 8.61
C LYS B 8 -1.27 13.60 7.84
N GLY B 9 -2.61 13.54 7.91
CA GLY B 9 -3.48 14.42 7.14
C GLY B 9 -3.08 15.87 7.23
N ARG B 10 -2.68 16.32 8.42
CA ARG B 10 -2.31 17.71 8.67
C ARG B 10 -1.30 18.23 7.65
N ASP B 11 -0.25 17.47 7.45
CA ASP B 11 0.89 17.90 6.68
C ASP B 11 0.52 17.96 5.21
N VAL B 12 -0.33 17.03 4.78
CA VAL B 12 -0.80 16.98 3.41
C VAL B 12 -1.64 18.22 3.11
N VAL B 13 -2.57 18.56 4.00
CA VAL B 13 -3.40 19.74 3.79
C VAL B 13 -2.52 21.00 3.77
N LEU B 14 -1.63 21.15 4.75
CA LEU B 14 -0.77 22.34 4.82
C LEU B 14 0.06 22.44 3.54
N GLY B 15 0.63 21.31 3.10
CA GLY B 15 1.38 21.31 1.83
C GLY B 15 0.59 21.77 0.63
N LEU B 16 -0.65 21.31 0.53
CA LEU B 16 -1.55 21.78 -0.52
C LEU B 16 -1.74 23.28 -0.45
N LEU B 17 -1.79 23.86 0.75
CA LEU B 17 -2.04 25.29 0.87
C LEU B 17 -0.79 26.16 0.73
N GLN B 19 1.30 26.62 -1.87
CA GLN B 19 1.32 27.34 -3.13
C GLN B 19 0.34 28.51 -3.08
N LYS B 20 -0.90 28.23 -2.66
CA LYS B 20 -1.96 29.25 -2.60
C LYS B 20 -3.17 28.72 -1.83
N GLU B 21 -4.07 29.63 -1.53
CA GLU B 21 -5.29 29.29 -0.82
C GLU B 21 -6.23 28.43 -1.67
N LEU B 22 -7.01 27.59 -1.01
CA LEU B 22 -7.88 26.62 -1.67
C LEU B 22 -9.21 26.49 -0.90
N SER B 23 -10.28 26.21 -1.62
CA SER B 23 -11.55 25.83 -0.99
C SER B 23 -11.48 24.35 -0.57
N GLY B 24 -12.45 23.94 0.24
CA GLY B 24 -12.58 22.54 0.63
C GLY B 24 -12.83 21.69 -0.59
N TYR B 25 -13.61 22.20 -1.55
CA TYR B 25 -13.85 21.51 -2.78
C TYR B 25 -12.54 21.29 -3.55
N ASP B 26 -11.72 22.35 -3.68
CA ASP B 26 -10.39 22.23 -4.30
C ASP B 26 -9.54 21.13 -3.64
N ILE B 27 -9.49 21.13 -2.30
CA ILE B 27 -8.68 20.16 -1.56
C ILE B 27 -9.18 18.75 -1.83
N LYS B 28 -10.51 18.60 -1.80
CA LYS B 28 -11.13 17.32 -2.12
C LYS B 28 -10.73 16.80 -3.50
N ILE B 29 -10.80 17.65 -4.52
CA ILE B 29 -10.40 17.25 -5.88
C ILE B 29 -8.98 16.71 -5.93
N VAL B 30 -8.06 17.36 -5.23
CA VAL B 30 -6.68 16.88 -5.20
C VAL B 30 -6.64 15.50 -4.53
N PHE B 31 -7.32 15.35 -3.41
CA PHE B 31 -7.32 14.03 -2.74
C PHE B 31 -7.88 12.94 -3.65
N GLU B 32 -8.98 13.28 -4.30
CA GLU B 32 -9.68 12.29 -5.12
C GLU B 32 -8.97 11.96 -6.43
N ASP B 33 -8.34 12.95 -7.06
CA ASP B 33 -7.68 12.78 -8.36
C ASP B 33 -6.20 12.38 -8.35
N VAL B 34 -5.50 12.75 -7.27
CA VAL B 34 -4.04 12.56 -7.13
C VAL B 34 -3.74 11.61 -5.97
N PHE B 35 -4.14 11.97 -4.77
CA PHE B 35 -3.68 11.26 -3.60
C PHE B 35 -4.29 9.86 -3.37
N THR B 36 -5.46 9.60 -3.95
CA THR B 36 -6.09 8.28 -3.82
C THR B 36 -5.15 7.11 -4.17
N HIS B 37 -4.17 7.38 -5.05
CA HIS B 37 -3.19 6.37 -5.46
C HIS B 37 -2.02 6.19 -4.48
N PHE B 38 -1.76 7.15 -3.62
CA PHE B 38 -0.63 7.00 -2.67
C PHE B 38 -0.83 7.58 -1.28
N PHE B 39 -2.06 7.93 -0.93
CA PHE B 39 -2.37 8.33 0.44
C PHE B 39 -3.60 7.55 0.91
N ASP B 40 -3.58 7.07 2.16
CA ASP B 40 -4.62 6.22 2.69
C ASP B 40 -5.74 6.96 3.44
N GLY B 41 -5.61 8.25 3.69
CA GLY B 41 -6.71 9.01 4.32
C GLY B 41 -7.61 9.58 3.24
N SER B 42 -8.92 9.39 3.38
CA SER B 42 -9.90 10.06 2.50
C SER B 42 -10.12 11.52 2.86
N PHE B 43 -10.55 12.32 1.89
CA PHE B 43 -10.96 13.68 2.19
C PHE B 43 -11.98 13.77 3.32
N GLY B 44 -13.01 12.93 3.30
CA GLY B 44 -14.00 12.93 4.38
C GLY B 44 -13.39 12.73 5.77
N ILE B 46 -10.18 13.36 6.52
CA ILE B 46 -9.29 14.53 6.72
C ILE B 46 -10.02 15.87 7.05
N TYR B 47 -11.29 15.96 6.66
CA TYR B 47 -12.04 17.21 6.76
C TYR B 47 -12.02 17.91 8.15
N PRO B 48 -12.20 17.15 9.29
CA PRO B 48 -12.11 17.81 10.59
C PRO B 48 -10.77 18.48 10.91
N THR B 49 -9.69 18.05 10.26
CA THR B 49 -8.36 18.66 10.42
C THR B 49 -8.32 20.13 9.97
N LEU B 50 -9.18 20.49 9.01
CA LEU B 50 -9.33 21.89 8.64
C LEU B 50 -9.74 22.75 9.84
N ARG B 51 -10.79 22.37 10.54
CA ARG B 51 -11.16 23.12 11.75
C ARG B 51 -10.04 23.11 12.82
N GLN B 52 -9.38 21.96 12.96
CA GLN B 52 -8.32 21.83 13.95
C GLN B 52 -7.17 22.78 13.63
N LEU B 53 -6.72 22.74 12.38
CA LEU B 53 -5.65 23.63 11.94
C LEU B 53 -6.05 25.11 12.11
N GLU B 54 -7.33 25.43 11.87
CA GLU B 54 -7.88 26.75 12.14
C GLU B 54 -7.75 27.13 13.62
N ASN B 55 -8.32 26.30 14.49
CA ASN B 55 -8.25 26.51 15.93
C ASN B 55 -6.82 26.72 16.42
N GLU B 56 -5.85 26.05 15.81
CA GLU B 56 -4.47 26.22 16.21
C GLU B 56 -3.78 27.40 15.52
N GLY B 57 -4.44 28.05 14.56
CA GLY B 57 -3.82 29.19 13.86
C GLY B 57 -2.81 28.84 12.77
N LYS B 58 -2.88 27.62 12.25
CA LYS B 58 -2.01 27.20 11.16
C LYS B 58 -2.60 27.50 9.79
N ILE B 59 -3.93 27.64 9.75
CA ILE B 59 -4.64 28.12 8.59
C ILE B 59 -5.74 29.05 9.03
N LYS B 60 -6.19 29.91 8.12
CA LYS B 60 -7.31 30.79 8.43
C LYS B 60 -8.38 30.52 7.40
N LYS B 61 -9.63 30.71 7.80
CA LYS B 61 -10.79 30.51 6.96
C LYS B 61 -11.45 31.85 6.71
N GLU B 62 -11.76 32.16 5.44
CA GLU B 62 -12.53 33.38 5.14
C GLU B 62 -13.63 33.10 4.14
N VAL B 63 -14.67 33.91 4.22
CA VAL B 63 -15.84 33.80 3.33
C VAL B 63 -15.62 34.69 2.11
N VAL B 64 -14.94 34.15 1.08
CA VAL B 64 -14.56 34.94 -0.09
C VAL B 64 -15.71 35.00 -1.07
N LYS B 72 -18.36 31.22 -0.81
CA LYS B 72 -17.49 30.05 -0.67
C LYS B 72 -16.34 30.30 0.33
N LYS B 73 -16.00 29.26 1.09
CA LYS B 73 -15.02 29.35 2.18
C LYS B 73 -13.64 28.94 1.68
N TYR B 75 -9.42 28.54 2.42
CA TYR B 75 -8.41 28.32 3.45
C TYR B 75 -7.05 28.87 3.03
N PHE B 76 -6.42 29.65 3.92
CA PHE B 76 -5.13 30.32 3.72
C PHE B 76 -4.18 29.80 4.79
N ILE B 77 -2.97 29.42 4.41
CA ILE B 77 -1.98 28.96 5.38
C ILE B 77 -1.36 30.20 6.05
N THR B 78 -0.93 30.05 7.30
CA THR B 78 -0.30 31.12 8.05
C THR B 78 1.17 30.77 8.19
N ASP B 79 1.93 31.73 8.69
CA ASP B 79 3.36 31.53 8.89
C ASP B 79 3.57 30.30 9.74
N GLU B 80 2.73 30.13 10.74
CA GLU B 80 2.87 29.02 11.64
C GLU B 80 2.56 27.68 10.92
N GLY B 81 1.57 27.69 10.04
CA GLY B 81 1.31 26.53 9.21
C GLY B 81 2.48 26.21 8.30
N ARG B 82 3.07 27.26 7.73
CA ARG B 82 4.25 27.07 6.88
C ARG B 82 5.40 26.42 7.63
N GLU B 83 5.65 26.87 8.86
CA GLU B 83 6.74 26.31 9.65
CA GLU B 83 6.73 26.30 9.66
C GLU B 83 6.48 24.82 9.95
N GLU B 84 5.23 24.46 10.22
CA GLU B 84 4.91 23.05 10.48
C GLU B 84 5.19 22.20 9.26
N PHE B 85 4.78 22.69 8.10
CA PHE B 85 4.99 21.97 6.86
C PHE B 85 6.50 21.78 6.57
N TYR B 86 7.28 22.85 6.71
CA TYR B 86 8.72 22.72 6.51
C TYR B 86 9.35 21.72 7.47
N GLN B 87 8.86 21.68 8.70
CA GLN B 87 9.36 20.69 9.67
C GLN B 87 9.02 19.26 9.19
N TYR B 88 7.79 19.05 8.76
CA TYR B 88 7.41 17.76 8.17
C TYR B 88 8.36 17.35 7.03
N GLN B 90 11.39 17.99 6.62
CA GLN B 90 12.71 17.64 7.16
C GLN B 90 12.76 16.23 7.76
N THR B 91 11.60 15.64 8.09
CA THR B 91 11.59 14.34 8.77
C THR B 91 12.05 13.20 7.85
N PRO B 92 12.49 12.09 8.43
CA PRO B 92 12.85 10.97 7.55
C PRO B 92 11.64 10.39 6.81
N VAL B 93 11.91 9.84 5.62
CA VAL B 93 10.86 9.35 4.74
C VAL B 93 10.42 7.96 5.21
N GLU B 94 9.14 7.83 5.52
CA GLU B 94 8.67 6.55 6.05
C GLU B 94 8.47 5.56 4.92
N LYS B 95 8.75 4.29 5.21
CA LYS B 95 8.59 3.23 4.23
C LYS B 95 7.16 3.23 3.75
N ASP B 96 6.97 2.77 2.52
CA ASP B 96 5.66 2.55 1.94
C ASP B 96 4.84 1.57 2.78
N VAL B 97 3.53 1.81 2.88
CA VAL B 97 2.61 0.87 3.52
C VAL B 97 1.51 0.50 2.53
N LEU B 98 1.59 -0.72 2.03
CA LEU B 98 0.63 -1.25 1.07
C LEU B 98 -0.22 -2.37 1.66
N ARG B 99 -1.53 -2.27 1.45
CA ARG B 99 -2.44 -3.37 1.71
CA ARG B 99 -2.46 -3.37 1.71
C ARG B 99 -3.18 -3.71 0.41
N SER B 100 -2.96 -4.91 -0.09
CA SER B 100 -3.52 -5.36 -1.33
C SER B 100 -4.27 -6.68 -1.04
N ASP B 101 -5.60 -6.57 -0.97
CA ASP B 101 -6.46 -7.74 -0.77
C ASP B 101 -6.26 -8.72 -1.93
N PHE B 102 -6.10 -8.19 -3.15
CA PHE B 102 -5.87 -9.03 -4.30
C PHE B 102 -4.63 -9.96 -4.11
N LEU B 103 -3.49 -9.42 -3.72
CA LEU B 103 -2.29 -10.21 -3.59
C LEU B 103 -2.45 -11.23 -2.46
N ARG B 105 -5.32 -12.73 -1.75
CA ARG B 105 -6.13 -13.81 -2.35
C ARG B 105 -5.24 -14.76 -3.15
N TYR B 107 -1.90 -15.15 -2.59
CA TYR B 107 -1.09 -15.81 -1.60
C TYR B 107 -1.82 -17.02 -0.99
N PHE B 108 -3.09 -16.86 -0.69
CA PHE B 108 -3.93 -17.93 -0.15
C PHE B 108 -4.71 -18.69 -1.23
N GLY B 109 -4.21 -18.61 -2.47
CA GLY B 109 -4.88 -19.13 -3.65
C GLY B 109 -5.12 -20.62 -3.66
N ASN B 110 -4.32 -21.37 -2.92
CA ASN B 110 -4.52 -22.81 -2.83
C ASN B 110 -5.86 -23.18 -2.17
N TYR B 111 -6.49 -22.22 -1.50
CA TYR B 111 -7.75 -22.46 -0.85
C TYR B 111 -8.93 -21.97 -1.70
N SER B 112 -8.66 -21.57 -2.94
CA SER B 112 -9.70 -21.12 -3.84
C SER B 112 -9.87 -22.20 -4.92
N ASP B 113 -10.29 -21.82 -6.10
CA ASP B 113 -10.47 -22.76 -7.19
C ASP B 113 -10.20 -22.04 -8.50
N ASP B 114 -10.00 -22.80 -9.58
CA ASP B 114 -9.57 -22.20 -10.84
C ASP B 114 -10.55 -21.17 -11.35
N VAL B 115 -11.85 -21.47 -11.26
CA VAL B 115 -12.86 -20.55 -11.77
C VAL B 115 -12.74 -19.20 -11.06
N THR B 116 -12.72 -19.24 -9.74
CA THR B 116 -12.62 -18.02 -8.92
C THR B 116 -11.30 -17.26 -9.17
N ILE B 117 -10.19 -17.98 -9.18
CA ILE B 117 -8.87 -17.38 -9.40
C ILE B 117 -8.78 -16.66 -10.75
N LYS B 118 -9.33 -17.28 -11.78
CA LYS B 118 -9.32 -16.70 -13.11
C LYS B 118 -10.12 -15.42 -13.10
N LYS B 119 -11.30 -15.46 -12.48
CA LYS B 119 -12.10 -14.25 -12.40
C LYS B 119 -11.41 -13.13 -11.60
N TRP B 120 -10.82 -13.48 -10.46
CA TRP B 120 -10.02 -12.50 -9.70
C TRP B 120 -8.91 -11.85 -10.56
N ILE B 121 -8.24 -12.64 -11.38
CA ILE B 121 -7.16 -12.10 -12.19
C ILE B 121 -7.73 -11.21 -13.27
N LYS B 122 -8.78 -11.65 -13.97
CA LYS B 122 -9.40 -10.78 -15.02
C LYS B 122 -9.94 -9.48 -14.39
N ASP B 123 -10.59 -9.58 -13.23
CA ASP B 123 -11.07 -8.39 -12.54
C ASP B 123 -9.95 -7.42 -12.21
N GLU B 124 -8.84 -7.96 -11.69
CA GLU B 124 -7.67 -7.13 -11.33
C GLU B 124 -7.00 -6.50 -12.58
N ILE B 125 -6.88 -7.25 -13.65
CA ILE B 125 -6.38 -6.69 -14.90
C ILE B 125 -7.27 -5.49 -15.35
N GLU B 126 -8.58 -5.66 -15.31
CA GLU B 126 -9.52 -4.61 -15.73
C GLU B 126 -9.43 -3.38 -14.84
N ARG B 127 -9.39 -3.63 -13.54
CA ARG B 127 -9.22 -2.59 -12.54
C ARG B 127 -7.97 -1.77 -12.75
N LYS B 128 -6.82 -2.44 -12.92
CA LYS B 128 -5.57 -1.74 -13.06
C LYS B 128 -5.45 -1.05 -14.42
N GLU B 129 -5.99 -1.65 -15.47
CA GLU B 129 -6.08 -0.97 -16.77
C GLU B 129 -6.92 0.33 -16.63
N ALA B 130 -8.02 0.26 -15.90
CA ALA B 130 -8.85 1.44 -15.64
C ALA B 130 -8.06 2.54 -14.88
N TYR B 131 -7.27 2.16 -13.88
CA TYR B 131 -6.42 3.13 -13.18
C TYR B 131 -5.44 3.79 -14.15
N ILE B 132 -4.83 3.00 -15.01
CA ILE B 132 -3.84 3.55 -15.95
C ILE B 132 -4.55 4.52 -16.94
N ALA B 133 -5.69 4.10 -17.51
CA ALA B 133 -6.45 4.98 -18.44
C ALA B 133 -6.87 6.28 -17.77
N ASP B 134 -7.27 6.20 -16.51
CA ASP B 134 -7.63 7.38 -15.75
C ASP B 134 -6.43 8.33 -15.51
N LEU B 135 -5.26 7.77 -15.22
CA LEU B 135 -4.08 8.60 -15.05
C LEU B 135 -3.64 9.23 -16.36
N ARG B 136 -3.72 8.47 -17.45
CA ARG B 136 -3.38 9.03 -18.77
C ARG B 136 -4.37 10.13 -19.18
N LEU B 137 -5.65 9.96 -18.83
CA LEU B 137 -6.65 11.02 -19.06
C LEU B 137 -6.34 12.24 -18.22
N LYS B 138 -5.93 12.01 -16.97
CA LYS B 138 -5.56 13.14 -16.11
C LYS B 138 -4.28 13.86 -16.57
N TYR B 139 -3.33 13.13 -17.12
CA TYR B 139 -2.10 13.75 -17.61
C TYR B 139 -2.42 14.76 -18.71
N GLU B 140 -3.25 14.35 -19.68
CA GLU B 140 -3.72 15.27 -20.73
C GLU B 140 -4.39 16.50 -20.12
N LYS B 141 -5.08 16.32 -19.02
CA LYS B 141 -5.65 17.45 -18.28
C LYS B 141 -4.54 18.28 -17.56
N TRP B 142 -3.54 17.61 -16.99
CA TRP B 142 -2.53 18.24 -16.13
C TRP B 142 -1.26 18.75 -16.82
N ARG B 143 -1.00 18.28 -18.03
CA ARG B 143 0.34 18.33 -18.58
C ARG B 143 1.03 19.70 -18.69
N VAL B 144 0.28 20.74 -19.01
CA VAL B 144 0.86 22.06 -19.19
C VAL B 144 1.51 22.54 -17.89
N GLY B 145 0.75 22.42 -16.81
CA GLY B 145 1.20 22.85 -15.49
C GLY B 145 2.04 21.87 -14.70
N ILE B 146 1.88 20.57 -14.93
CA ILE B 146 2.52 19.62 -14.06
C ILE B 146 4.02 19.86 -14.04
N THR B 147 4.60 19.80 -12.83
CA THR B 147 6.02 19.94 -12.66
C THR B 147 6.72 18.61 -12.74
N PHE B 148 8.03 18.68 -12.85
CA PHE B 148 8.85 17.51 -12.91
C PHE B 148 8.62 16.59 -11.70
N VAL B 149 8.58 17.19 -10.51
CA VAL B 149 8.45 16.39 -9.27
C VAL B 149 7.04 15.86 -9.08
N GLU B 150 6.03 16.66 -9.41
CA GLU B 150 4.65 16.16 -9.40
C GLU B 150 4.46 15.00 -10.37
N GLU B 151 5.15 15.04 -11.51
CA GLU B 151 5.04 13.97 -12.50
C GLU B 151 5.70 12.64 -12.10
N ILE B 152 6.63 12.68 -11.16
CA ILE B 152 7.25 11.44 -10.66
C ILE B 152 6.18 10.50 -10.10
N SER B 153 5.30 11.04 -9.25
CA SER B 153 4.19 10.27 -8.67
C SER B 153 3.33 9.63 -9.77
N LEU B 154 2.97 10.44 -10.75
CA LEU B 154 2.17 9.99 -11.86
C LEU B 154 2.84 8.87 -12.66
N ASP B 155 4.10 9.08 -13.03
CA ASP B 155 4.85 8.11 -13.82
C ASP B 155 5.17 6.81 -13.05
N VAL B 156 5.44 6.92 -11.76
CA VAL B 156 5.73 5.73 -10.94
C VAL B 156 4.45 4.88 -10.88
N GLY B 157 3.31 5.55 -10.77
CA GLY B 157 2.00 4.91 -10.70
C GLY B 157 1.69 4.17 -11.98
N ILE B 158 1.87 4.85 -13.12
CA ILE B 158 1.63 4.25 -14.41
C ILE B 158 2.57 3.05 -14.62
N ALA B 159 3.82 3.22 -14.22
CA ALA B 159 4.82 2.17 -14.43
C ALA B 159 4.46 0.96 -13.60
N SER B 160 4.14 1.19 -12.32
CA SER B 160 3.75 0.15 -11.41
C SER B 160 2.50 -0.60 -11.88
N TYR B 161 1.42 0.11 -12.14
CA TYR B 161 0.19 -0.55 -12.61
C TYR B 161 0.40 -1.25 -13.95
N SER B 162 1.22 -0.68 -14.82
CA SER B 162 1.43 -1.29 -16.13
C SER B 162 2.11 -2.63 -16.03
N ALA B 163 3.09 -2.70 -15.14
CA ALA B 163 3.87 -3.94 -14.93
C ALA B 163 2.98 -5.01 -14.30
N GLN B 164 2.09 -4.58 -13.40
CA GLN B 164 1.14 -5.47 -12.77
C GLN B 164 0.19 -6.04 -13.81
N VAL B 165 -0.40 -5.16 -14.66
CA VAL B 165 -1.20 -5.60 -15.79
C VAL B 165 -0.47 -6.60 -16.72
N GLU B 166 0.76 -6.29 -17.11
CA GLU B 166 1.47 -7.16 -18.06
C GLU B 166 1.74 -8.52 -17.40
N THR B 167 2.10 -8.51 -16.12
CA THR B 167 2.39 -9.78 -15.40
C THR B 167 1.12 -10.59 -15.30
N LEU B 168 0.02 -9.93 -14.93
CA LEU B 168 -1.27 -10.64 -14.75
C LEU B 168 -1.83 -11.21 -16.07
N LYS B 169 -1.68 -10.49 -17.17
CA LYS B 169 -2.09 -11.03 -18.47
C LYS B 169 -1.33 -12.31 -18.80
N LYS B 170 -0.04 -12.35 -18.50
CA LYS B 170 0.77 -13.55 -18.74
C LYS B 170 0.31 -14.66 -17.83
N LYS B 171 0.01 -14.33 -16.57
CA LYS B 171 -0.52 -15.33 -15.67
C LYS B 171 -1.86 -15.90 -16.18
N LEU B 172 -2.78 -15.04 -16.61
CA LEU B 172 -4.09 -15.51 -17.08
C LEU B 172 -3.95 -16.43 -18.28
N GLU B 173 -3.14 -16.02 -19.24
CA GLU B 173 -2.86 -16.82 -20.42
C GLU B 173 -2.29 -18.17 -20.02
N GLU B 174 -1.38 -18.19 -19.06
CA GLU B 174 -0.75 -19.47 -18.70
C GLU B 174 -1.80 -20.35 -18.02
N LEU B 175 -2.63 -19.74 -17.16
CA LEU B 175 -3.70 -20.47 -16.48
C LEU B 175 -4.71 -21.03 -17.46
N GLU B 176 -5.11 -20.22 -18.43
CA GLU B 176 -6.02 -20.70 -19.47
C GLU B 176 -5.41 -21.84 -20.30
N ALA B 177 -4.09 -21.81 -20.50
CA ALA B 177 -3.40 -22.88 -21.23
C ALA B 177 -3.27 -24.17 -20.41
N LYS B 178 -3.32 -24.07 -19.09
CA LYS B 178 -3.32 -25.27 -18.22
C LYS B 178 -4.63 -26.08 -18.34
N GLU B 179 -5.75 -25.37 -18.52
CA GLU B 179 -7.07 -25.97 -18.63
C GLU B 179 -7.38 -26.21 -20.10
#